data_6B3D
#
_entry.id   6B3D
#
_cell.length_a   72.137
_cell.length_b   105.204
_cell.length_c   145.306
_cell.angle_alpha   90.00
_cell.angle_beta   90.00
_cell.angle_gamma   90.00
#
_symmetry.space_group_name_H-M   'C 2 2 21'
#
loop_
_entity.id
_entity.type
_entity.pdbx_description
1 polymer 'PGT128 Fab light chain'
2 polymer 'PGT128 Fab heavy chain'
3 branched alpha-D-mannopyranose-(1-2)-alpha-D-mannopyranose-(1-2)-alpha-D-mannopyranose-(1-3)-[alpha-D-mannopyranose-(1-2)-alpha-D-mannopyranose-(1-6)-alpha-D-mannopyranose-(1-6)]alpha-D-mannopyranose
4 non-polymer GLYCEROL
5 non-polymer 1,2-ETHANEDIOL
6 non-polymer 'ISOPROPYL ALCOHOL'
7 non-polymer '4-(2-HYDROXYETHYL)-1-PIPERAZINE ETHANESULFONIC ACID'
8 water water
#
loop_
_entity_poly.entity_id
_entity_poly.type
_entity_poly.pdbx_seq_one_letter_code
_entity_poly.pdbx_strand_id
1 'polypeptide(L)'
;QSALTQPPSASGSPGQSITISCTGTSNNFVSWYQQHAGKAPKLVIYDVNKRPSGVPDRFSGSKSGNTASLTVSGLQTDDE
AVYYCGSLVGNWDVIFGGGTKLTVLGQPKAAPSVTLFPPSSEELQANKATLVCLISDFYPGAVTVAWKADSSPVKAGVET
TTPSKQSNNKYAASSYLSLTPEQWKSHRSYSCQVTHEGSTVEKTVAPTECS
;
L
2 'polypeptide(L)'
;(PCA)PQLQESGPTLVEASETLSLTCAVSGDSTAACNSFWGWVRQPPGKGLEWVGSLSHCASYWNRGWTYHNPSLKSRLT
LALDTPKNLVFLKLNSVTAADTATYYCARFGGEVLRYTDWPKPAWVDLWGRGTLVTVSSASTKGPSVFPLAPSSKSTSGG
TAALGCLVKDYFPEPVTVSWNSGALTSGVHTFPAVLQSSGLYSLSSVVTVPSSSLGTQTYICNVNHKPSNTKVDKRVEPK
SCD
;
H
#
loop_
_chem_comp.id
_chem_comp.type
_chem_comp.name
_chem_comp.formula
EDO non-polymer 1,2-ETHANEDIOL 'C2 H6 O2'
EPE non-polymer '4-(2-HYDROXYETHYL)-1-PIPERAZINE ETHANESULFONIC ACID' 'C8 H18 N2 O4 S'
GOL non-polymer GLYCEROL 'C3 H8 O3'
IPA non-polymer 'ISOPROPYL ALCOHOL' 'C3 H8 O'
MAN D-saccharide, alpha linking alpha-D-mannopyranose 'C6 H12 O6'
#
# COMPACT_ATOMS: atom_id res chain seq x y z
N ALA A 3 15.53 -10.94 7.51
CA ALA A 3 14.19 -10.46 7.24
C ALA A 3 13.19 -11.60 7.18
N LEU A 4 11.91 -11.27 7.29
CA LEU A 4 10.83 -12.23 7.27
C LEU A 4 10.19 -12.29 5.89
N THR A 5 10.02 -13.50 5.35
CA THR A 5 9.52 -13.69 4.00
C THR A 5 8.17 -14.39 4.05
N GLN A 6 7.13 -13.71 3.54
CA GLN A 6 5.79 -14.23 3.36
C GLN A 6 5.45 -14.32 1.88
N PRO A 7 4.63 -15.30 1.47
CA PRO A 7 4.13 -15.30 0.10
C PRO A 7 3.18 -14.14 -0.12
N PRO A 8 3.11 -13.61 -1.33
CA PRO A 8 2.26 -12.42 -1.55
C PRO A 8 0.78 -12.65 -1.31
N SER A 9 0.27 -13.86 -1.57
CA SER A 9 -1.17 -14.07 -1.48
C SER A 9 -1.48 -15.55 -1.32
N ALA A 10 -2.68 -15.81 -0.81
CA ALA A 10 -3.23 -17.15 -0.65
C ALA A 10 -4.74 -17.04 -0.70
N SER A 11 -5.39 -18.18 -0.92
CA SER A 11 -6.85 -18.15 -1.04
C SER A 11 -7.45 -19.51 -0.71
N GLY A 12 -8.65 -19.47 -0.16
CA GLY A 12 -9.44 -20.67 0.10
C GLY A 12 -10.91 -20.31 0.12
N SER A 13 -11.74 -21.34 0.08
CA SER A 13 -13.19 -21.18 0.06
C SER A 13 -13.75 -21.15 1.47
N PRO A 14 -14.94 -20.60 1.66
CA PRO A 14 -15.55 -20.59 3.00
C PRO A 14 -15.69 -22.00 3.55
N GLY A 15 -15.29 -22.19 4.79
CA GLY A 15 -15.37 -23.46 5.46
C GLY A 15 -14.11 -24.30 5.40
N GLN A 16 -13.18 -23.97 4.51
CA GLN A 16 -11.94 -24.72 4.40
C GLN A 16 -10.91 -24.21 5.41
N SER A 17 -9.81 -24.95 5.51
CA SER A 17 -8.67 -24.56 6.31
CA SER A 17 -8.67 -24.57 6.31
C SER A 17 -7.54 -24.11 5.40
N ILE A 18 -6.75 -23.15 5.88
CA ILE A 18 -5.65 -22.61 5.10
C ILE A 18 -4.51 -22.24 6.05
N THR A 19 -3.28 -22.44 5.59
CA THR A 19 -2.09 -22.12 6.34
C THR A 19 -1.22 -21.21 5.48
N ILE A 20 -0.74 -20.12 6.07
CA ILE A 20 0.22 -19.24 5.44
C ILE A 20 1.47 -19.20 6.31
N SER A 21 2.64 -19.16 5.66
CA SER A 21 3.90 -19.34 6.35
C SER A 21 4.74 -18.08 6.29
N CYS A 22 5.77 -18.05 7.13
CA CYS A 22 6.66 -16.90 7.26
C CYS A 22 8.02 -17.43 7.66
N THR A 23 8.99 -17.36 6.76
CA THR A 23 10.31 -17.91 6.97
C THR A 23 11.26 -16.83 7.48
N GLY A 24 12.24 -17.24 8.27
CA GLY A 24 13.19 -16.32 8.87
C GLY A 24 13.00 -16.08 10.35
N THR A 25 11.95 -16.63 10.96
CA THR A 25 11.73 -16.49 12.40
C THR A 25 12.72 -17.38 13.15
N SER A 26 13.64 -16.77 13.89
CA SER A 26 14.68 -17.52 14.58
C SER A 26 14.45 -17.62 16.09
N ASN A 27 13.33 -17.10 16.59
CA ASN A 27 13.05 -17.14 18.03
C ASN A 27 11.55 -17.26 18.23
N ASN A 28 11.14 -17.36 19.49
CA ASN A 28 9.74 -17.55 19.85
C ASN A 28 8.95 -16.25 19.97
N PHE A 29 9.60 -15.10 19.77
CA PHE A 29 8.89 -13.81 19.79
C PHE A 29 8.23 -13.55 18.44
N VAL A 30 7.28 -14.42 18.09
CA VAL A 30 6.58 -14.37 16.80
C VAL A 30 5.16 -13.88 17.04
N SER A 31 4.70 -12.98 16.17
CA SER A 31 3.33 -12.50 16.23
C SER A 31 2.74 -12.45 14.82
N TRP A 32 1.41 -12.45 14.76
CA TRP A 32 0.68 -12.34 13.51
C TRP A 32 -0.36 -11.23 13.62
N TYR A 33 -0.56 -10.50 12.54
CA TYR A 33 -1.45 -9.35 12.51
C TYR A 33 -2.42 -9.49 11.35
N GLN A 34 -3.68 -9.13 11.60
CA GLN A 34 -4.72 -9.09 10.58
C GLN A 34 -5.04 -7.65 10.26
N GLN A 35 -5.04 -7.30 8.98
CA GLN A 35 -5.36 -5.94 8.55
C GLN A 35 -6.41 -5.98 7.45
N HIS A 36 -7.64 -5.59 7.78
CA HIS A 36 -8.65 -5.41 6.76
C HIS A 36 -8.36 -4.16 5.92
N ALA A 37 -8.91 -4.16 4.71
CA ALA A 37 -8.69 -3.04 3.79
C ALA A 37 -9.19 -1.73 4.39
N GLY A 38 -8.30 -0.73 4.43
CA GLY A 38 -8.63 0.57 4.95
C GLY A 38 -8.63 0.70 6.46
N LYS A 39 -8.22 -0.33 7.18
CA LYS A 39 -8.27 -0.34 8.63
C LYS A 39 -6.87 -0.56 9.20
N ALA A 40 -6.75 -0.33 10.51
CA ALA A 40 -5.49 -0.53 11.20
C ALA A 40 -5.27 -2.02 11.46
N PRO A 41 -4.02 -2.45 11.58
CA PRO A 41 -3.75 -3.86 11.90
C PRO A 41 -4.31 -4.23 13.26
N LYS A 42 -4.37 -5.54 13.51
CA LYS A 42 -4.88 -6.09 14.76
C LYS A 42 -4.10 -7.34 15.10
N LEU A 43 -3.62 -7.44 16.35
CA LEU A 43 -2.90 -8.61 16.80
C LEU A 43 -3.84 -9.80 16.93
N VAL A 44 -3.53 -10.89 16.24
CA VAL A 44 -4.33 -12.10 16.33
C VAL A 44 -3.57 -13.29 16.93
N ILE A 45 -2.24 -13.29 16.86
CA ILE A 45 -1.41 -14.32 17.49
C ILE A 45 -0.17 -13.64 18.06
N TYR A 46 0.22 -14.05 19.27
CA TYR A 46 1.49 -13.62 19.83
C TYR A 46 2.17 -14.82 20.48
N ASP A 47 3.48 -14.71 20.68
CA ASP A 47 4.27 -15.76 21.32
C ASP A 47 4.06 -17.10 20.60
N VAL A 48 4.15 -17.05 19.27
CA VAL A 48 3.99 -18.18 18.35
C VAL A 48 2.55 -18.65 18.28
N ASN A 49 1.90 -18.89 19.44
CA ASN A 49 0.61 -19.57 19.39
C ASN A 49 -0.40 -19.09 20.43
N LYS A 50 -0.23 -17.90 21.01
CA LYS A 50 -1.18 -17.39 21.98
C LYS A 50 -2.16 -16.44 21.32
N ARG A 51 -3.43 -16.53 21.72
N ARG A 51 -3.43 -16.54 21.72
CA ARG A 51 -4.49 -15.71 21.17
CA ARG A 51 -4.50 -15.71 21.18
C ARG A 51 -4.91 -14.63 22.15
C ARG A 51 -4.89 -14.62 22.16
N PRO A 52 -4.93 -13.36 21.74
CA PRO A 52 -5.49 -12.31 22.60
C PRO A 52 -6.97 -12.58 22.82
N SER A 53 -7.49 -12.04 23.92
CA SER A 53 -8.90 -12.22 24.22
C SER A 53 -9.75 -11.65 23.08
N GLY A 54 -10.78 -12.41 22.69
CA GLY A 54 -11.67 -12.01 21.63
C GLY A 54 -11.34 -12.58 20.26
N VAL A 55 -10.17 -13.16 20.09
CA VAL A 55 -9.76 -13.73 18.81
C VAL A 55 -10.25 -15.17 18.75
N PRO A 56 -11.03 -15.55 17.73
CA PRO A 56 -11.61 -16.89 17.70
C PRO A 56 -10.54 -17.98 17.70
N ASP A 57 -10.90 -19.13 18.27
CA ASP A 57 -10.00 -20.28 18.33
C ASP A 57 -9.76 -20.92 16.96
N ARG A 58 -10.42 -20.46 15.90
CA ARG A 58 -10.11 -20.97 14.58
C ARG A 58 -8.82 -20.38 14.02
N PHE A 59 -8.30 -19.31 14.64
CA PHE A 59 -6.95 -18.83 14.38
C PHE A 59 -5.99 -19.57 15.29
N SER A 60 -4.93 -20.13 14.70
CA SER A 60 -3.94 -20.86 15.48
C SER A 60 -2.57 -20.66 14.84
N GLY A 61 -1.54 -20.55 15.68
CA GLY A 61 -0.19 -20.36 15.22
C GLY A 61 0.73 -21.50 15.60
N SER A 62 1.80 -21.67 14.83
CA SER A 62 2.78 -22.73 15.10
C SER A 62 4.11 -22.32 14.49
N LYS A 63 5.12 -23.17 14.68
CA LYS A 63 6.46 -22.86 14.23
C LYS A 63 7.24 -24.16 14.07
N SER A 64 7.95 -24.28 12.95
CA SER A 64 8.79 -25.44 12.67
C SER A 64 10.11 -24.95 12.07
N GLY A 65 11.21 -25.18 12.79
CA GLY A 65 12.46 -24.60 12.36
C GLY A 65 12.38 -23.10 12.33
N ASN A 66 12.85 -22.50 11.23
CA ASN A 66 12.78 -21.06 11.04
C ASN A 66 11.54 -20.63 10.26
N THR A 67 10.44 -21.38 10.36
CA THR A 67 9.21 -21.09 9.63
C THR A 67 8.05 -21.04 10.60
N ALA A 68 7.45 -19.86 10.76
CA ALA A 68 6.23 -19.70 11.51
C ALA A 68 5.03 -19.81 10.57
N SER A 69 3.91 -20.29 11.10
CA SER A 69 2.73 -20.49 10.29
C SER A 69 1.48 -20.06 11.05
N LEU A 70 0.57 -19.41 10.33
CA LEU A 70 -0.74 -19.07 10.83
C LEU A 70 -1.76 -19.93 10.09
N THR A 71 -2.61 -20.62 10.84
CA THR A 71 -3.65 -21.46 10.26
C THR A 71 -5.01 -20.89 10.64
N VAL A 72 -5.90 -20.79 9.66
CA VAL A 72 -7.29 -20.42 9.89
C VAL A 72 -8.14 -21.63 9.55
N SER A 73 -8.72 -22.24 10.57
CA SER A 73 -9.67 -23.33 10.36
C SER A 73 -11.05 -22.75 10.08
N GLY A 74 -11.72 -23.29 9.07
CA GLY A 74 -13.05 -22.83 8.71
C GLY A 74 -13.08 -21.37 8.32
N LEU A 75 -12.56 -21.05 7.13
CA LEU A 75 -12.51 -19.68 6.65
C LEU A 75 -13.90 -19.07 6.60
N GLN A 76 -14.01 -17.83 7.08
CA GLN A 76 -15.19 -17.02 6.91
C GLN A 76 -14.82 -15.80 6.08
N THR A 77 -15.82 -15.20 5.43
CA THR A 77 -15.56 -14.07 4.56
C THR A 77 -14.90 -12.91 5.32
N ASP A 78 -15.25 -12.74 6.59
CA ASP A 78 -14.61 -11.73 7.42
C ASP A 78 -13.11 -11.99 7.60
N ASP A 79 -12.64 -13.20 7.33
CA ASP A 79 -11.21 -13.47 7.47
C ASP A 79 -10.39 -12.94 6.32
N GLU A 80 -11.03 -12.40 5.27
CA GLU A 80 -10.29 -11.84 4.15
C GLU A 80 -9.58 -10.57 4.59
N ALA A 81 -8.26 -10.57 4.48
CA ALA A 81 -7.43 -9.47 4.96
C ALA A 81 -6.00 -9.72 4.50
N VAL A 82 -5.12 -8.78 4.83
CA VAL A 82 -3.68 -8.95 4.68
C VAL A 82 -3.12 -9.35 6.04
N TYR A 83 -2.33 -10.41 6.08
CA TYR A 83 -1.75 -10.91 7.32
C TYR A 83 -0.24 -10.70 7.32
N TYR A 84 0.26 -10.10 8.40
CA TYR A 84 1.68 -9.87 8.58
C TYR A 84 2.20 -10.71 9.75
N CYS A 85 3.37 -11.32 9.56
CA CYS A 85 4.11 -11.88 10.67
C CYS A 85 5.07 -10.84 11.22
N GLY A 86 5.27 -10.87 12.53
CA GLY A 86 6.23 -9.99 13.17
C GLY A 86 7.15 -10.79 14.07
N SER A 87 8.30 -10.19 14.38
CA SER A 87 9.26 -10.89 15.21
C SER A 87 10.24 -9.91 15.84
N LEU A 88 10.74 -10.30 17.00
CA LEU A 88 11.90 -9.64 17.58
C LEU A 88 13.15 -10.14 16.89
N VAL A 89 14.06 -9.21 16.55
CA VAL A 89 15.34 -9.58 15.96
C VAL A 89 16.44 -8.79 16.66
N GLY A 90 17.65 -9.34 16.59
CA GLY A 90 18.77 -8.72 17.27
C GLY A 90 18.55 -8.72 18.77
N ASN A 91 18.99 -7.64 19.41
CA ASN A 91 18.75 -7.49 20.85
C ASN A 91 17.29 -7.14 21.13
N TRP A 92 16.76 -6.14 20.42
CA TRP A 92 15.46 -5.58 20.78
C TRP A 92 14.77 -4.90 19.60
N ASP A 93 15.07 -5.32 18.38
CA ASP A 93 14.44 -4.73 17.21
C ASP A 93 13.17 -5.48 16.84
N VAL A 94 12.30 -4.80 16.10
CA VAL A 94 11.05 -5.37 15.59
C VAL A 94 11.07 -5.28 14.07
N ILE A 95 10.76 -6.40 13.41
CA ILE A 95 10.57 -6.41 11.97
C ILE A 95 9.27 -7.13 11.65
N PHE A 96 8.74 -6.84 10.47
CA PHE A 96 7.51 -7.45 9.97
C PHE A 96 7.79 -8.12 8.62
N GLY A 97 6.97 -9.11 8.30
CA GLY A 97 6.99 -9.67 6.97
C GLY A 97 6.36 -8.72 5.97
N GLY A 98 6.44 -9.10 4.69
CA GLY A 98 5.86 -8.30 3.64
C GLY A 98 4.36 -8.40 3.50
N GLY A 99 3.73 -9.31 4.24
CA GLY A 99 2.29 -9.44 4.21
C GLY A 99 1.77 -10.42 3.17
N THR A 100 0.71 -11.15 3.53
CA THR A 100 0.04 -12.08 2.63
C THR A 100 -1.41 -11.65 2.48
N LYS A 101 -1.83 -11.38 1.25
CA LYS A 101 -3.23 -11.09 0.96
C LYS A 101 -3.99 -12.41 0.96
N LEU A 102 -4.88 -12.59 1.94
CA LEU A 102 -5.69 -13.80 2.04
C LEU A 102 -7.09 -13.50 1.51
N THR A 103 -7.46 -14.16 0.42
CA THR A 103 -8.77 -14.00 -0.18
C THR A 103 -9.63 -15.21 0.17
N VAL A 104 -10.85 -14.95 0.64
CA VAL A 104 -11.84 -15.99 0.83
C VAL A 104 -12.68 -16.04 -0.45
N LEU A 105 -12.59 -17.14 -1.19
CA LEU A 105 -13.09 -17.20 -2.55
C LEU A 105 -14.61 -17.10 -2.58
N GLY A 106 -15.13 -16.11 -3.29
CA GLY A 106 -16.56 -15.92 -3.41
C GLY A 106 -17.06 -15.88 -4.84
N GLN A 107 -16.15 -16.07 -5.80
CA GLN A 107 -16.49 -16.08 -7.21
C GLN A 107 -15.39 -16.82 -7.95
N PRO A 108 -15.62 -17.23 -9.20
CA PRO A 108 -14.57 -17.94 -9.95
C PRO A 108 -13.32 -17.10 -10.10
N LYS A 109 -12.17 -17.76 -10.02
CA LYS A 109 -10.92 -17.09 -10.33
C LYS A 109 -10.93 -16.65 -11.79
N ALA A 110 -10.30 -15.51 -12.05
CA ALA A 110 -10.36 -14.88 -13.37
C ALA A 110 -9.01 -14.25 -13.69
N ALA A 111 -8.49 -14.57 -14.87
CA ALA A 111 -7.20 -14.04 -15.29
C ALA A 111 -7.36 -12.60 -15.74
N PRO A 112 -6.32 -11.79 -15.55
CA PRO A 112 -6.44 -10.36 -15.87
C PRO A 112 -6.31 -10.06 -17.36
N SER A 113 -7.01 -9.01 -17.78
CA SER A 113 -6.77 -8.38 -19.07
C SER A 113 -5.75 -7.26 -18.89
N VAL A 114 -4.81 -7.17 -19.82
CA VAL A 114 -3.71 -6.21 -19.72
C VAL A 114 -3.70 -5.36 -20.99
N THR A 115 -3.72 -4.04 -20.79
CA THR A 115 -3.55 -3.08 -21.88
C THR A 115 -2.38 -2.17 -21.54
N LEU A 116 -1.42 -2.09 -22.44
CA LEU A 116 -0.22 -1.28 -22.25
C LEU A 116 -0.25 -0.12 -23.23
N PHE A 117 -0.32 1.10 -22.71
CA PHE A 117 -0.35 2.30 -23.55
C PHE A 117 1.05 2.88 -23.67
N PRO A 118 1.51 3.19 -24.87
CA PRO A 118 2.77 3.92 -25.02
C PRO A 118 2.57 5.38 -24.63
N PRO A 119 3.66 6.15 -24.49
CA PRO A 119 3.49 7.58 -24.20
C PRO A 119 2.72 8.25 -25.33
N SER A 120 1.75 9.08 -24.95
CA SER A 120 0.99 9.82 -25.96
C SER A 120 1.88 10.84 -26.65
N SER A 121 1.47 11.22 -27.86
CA SER A 121 2.19 12.26 -28.59
C SER A 121 2.15 13.59 -27.83
N GLU A 122 1.01 13.90 -27.20
CA GLU A 122 0.91 15.13 -26.43
C GLU A 122 1.90 15.15 -25.27
N GLU A 123 2.01 14.03 -24.54
CA GLU A 123 2.93 14.00 -23.42
C GLU A 123 4.37 14.11 -23.88
N LEU A 124 4.71 13.45 -24.99
CA LEU A 124 6.06 13.58 -25.53
C LEU A 124 6.37 15.01 -25.96
N GLN A 125 5.36 15.73 -26.47
CA GLN A 125 5.57 17.13 -26.82
C GLN A 125 5.75 18.02 -25.60
N ALA A 126 5.30 17.59 -24.43
CA ALA A 126 5.57 18.27 -23.18
C ALA A 126 6.84 17.77 -22.51
N ASN A 127 7.68 17.03 -23.24
CA ASN A 127 8.99 16.55 -22.78
C ASN A 127 8.87 15.54 -21.64
N LYS A 128 7.82 14.72 -21.66
CA LYS A 128 7.65 13.66 -20.66
C LYS A 128 7.20 12.39 -21.37
N ALA A 129 7.41 11.25 -20.70
CA ALA A 129 7.05 9.96 -21.27
C ALA A 129 6.63 9.02 -20.15
N THR A 130 5.37 8.57 -20.20
CA THR A 130 4.84 7.66 -19.20
C THR A 130 4.21 6.47 -19.91
N LEU A 131 4.67 5.27 -19.56
CA LEU A 131 4.03 4.03 -19.99
C LEU A 131 2.95 3.66 -18.99
N VAL A 132 1.76 3.35 -19.49
CA VAL A 132 0.60 3.07 -18.65
C VAL A 132 0.16 1.64 -18.89
N CYS A 133 0.29 0.81 -17.86
CA CYS A 133 -0.12 -0.60 -17.90
C CYS A 133 -1.39 -0.75 -17.07
N LEU A 134 -2.52 -0.99 -17.74
CA LEU A 134 -3.81 -1.10 -17.09
C LEU A 134 -4.24 -2.56 -17.05
N ILE A 135 -4.61 -3.02 -15.86
CA ILE A 135 -4.90 -4.43 -15.60
C ILE A 135 -6.33 -4.49 -15.06
N SER A 136 -7.12 -5.42 -15.57
CA SER A 136 -8.54 -5.41 -15.24
C SER A 136 -9.12 -6.82 -15.24
N ASP A 137 -10.27 -6.94 -14.58
CA ASP A 137 -11.13 -8.13 -14.66
C ASP A 137 -10.47 -9.39 -14.07
N PHE A 138 -9.69 -9.23 -13.01
CA PHE A 138 -9.08 -10.40 -12.38
C PHE A 138 -9.63 -10.62 -10.98
N TYR A 139 -9.49 -11.87 -10.53
CA TYR A 139 -9.88 -12.32 -9.20
C TYR A 139 -9.06 -13.56 -8.90
N PRO A 140 -8.48 -13.71 -7.70
CA PRO A 140 -8.45 -12.77 -6.56
C PRO A 140 -7.74 -11.46 -6.87
N GLY A 141 -7.99 -10.44 -6.04
CA GLY A 141 -7.42 -9.13 -6.24
C GLY A 141 -5.97 -9.02 -5.78
N ALA A 142 -5.08 -9.76 -6.43
CA ALA A 142 -3.67 -9.75 -6.08
C ALA A 142 -2.87 -10.02 -7.34
N VAL A 143 -1.97 -9.09 -7.69
CA VAL A 143 -1.11 -9.25 -8.85
C VAL A 143 0.30 -8.76 -8.51
N THR A 144 1.27 -9.25 -9.27
CA THR A 144 2.62 -8.74 -9.27
C THR A 144 2.90 -8.15 -10.64
N VAL A 145 3.44 -6.93 -10.67
CA VAL A 145 3.77 -6.24 -11.91
C VAL A 145 5.26 -6.04 -11.98
N ALA A 146 5.85 -6.41 -13.12
CA ALA A 146 7.26 -6.14 -13.40
C ALA A 146 7.37 -5.52 -14.78
N TRP A 147 8.40 -4.70 -14.96
CA TRP A 147 8.64 -3.99 -16.21
C TRP A 147 9.97 -4.39 -16.80
N LYS A 148 10.05 -4.37 -18.14
CA LYS A 148 11.27 -4.69 -18.85
C LYS A 148 11.52 -3.66 -19.94
N ALA A 149 12.80 -3.28 -20.09
CA ALA A 149 13.27 -2.52 -21.24
C ALA A 149 14.03 -3.50 -22.13
N ASP A 150 13.56 -3.64 -23.37
CA ASP A 150 13.97 -4.76 -24.21
C ASP A 150 13.74 -6.06 -23.45
N SER A 151 14.82 -6.73 -23.04
CA SER A 151 14.70 -7.93 -22.23
C SER A 151 15.24 -7.75 -20.81
N SER A 152 15.63 -6.54 -20.44
CA SER A 152 16.22 -6.35 -19.12
C SER A 152 15.19 -5.82 -18.13
N PRO A 153 15.18 -6.32 -16.91
CA PRO A 153 14.22 -5.83 -15.91
C PRO A 153 14.48 -4.39 -15.55
N VAL A 154 13.42 -3.68 -15.21
CA VAL A 154 13.45 -2.26 -14.89
C VAL A 154 12.76 -2.03 -13.56
N LYS A 155 13.44 -1.36 -12.63
CA LYS A 155 12.91 -1.12 -11.29
C LYS A 155 12.67 0.36 -11.00
N ALA A 156 13.52 1.26 -11.52
CA ALA A 156 13.38 2.67 -11.22
C ALA A 156 12.30 3.30 -12.09
N GLY A 157 11.54 4.21 -11.50
CA GLY A 157 10.47 4.91 -12.19
C GLY A 157 9.14 4.19 -12.23
N VAL A 158 8.96 3.14 -11.42
CA VAL A 158 7.75 2.32 -11.45
C VAL A 158 6.87 2.69 -10.26
N GLU A 159 5.59 2.90 -10.52
CA GLU A 159 4.59 3.13 -9.49
C GLU A 159 3.38 2.25 -9.81
N THR A 160 2.91 1.51 -8.82
CA THR A 160 1.83 0.55 -9.00
C THR A 160 0.77 0.77 -7.92
N THR A 161 -0.50 0.79 -8.33
CA THR A 161 -1.60 0.95 -7.40
C THR A 161 -2.02 -0.40 -6.84
N THR A 162 -2.55 -0.36 -5.62
CA THR A 162 -3.16 -1.54 -5.02
C THR A 162 -4.44 -1.89 -5.77
N PRO A 163 -4.68 -3.18 -6.03
CA PRO A 163 -5.90 -3.57 -6.75
C PRO A 163 -7.15 -3.05 -6.05
N SER A 164 -8.07 -2.50 -6.85
CA SER A 164 -9.34 -2.02 -6.32
C SER A 164 -10.48 -2.58 -7.15
N LYS A 165 -11.65 -2.70 -6.52
CA LYS A 165 -12.76 -3.40 -7.12
C LYS A 165 -13.39 -2.58 -8.25
N GLN A 166 -13.78 -3.27 -9.33
CA GLN A 166 -14.50 -2.65 -10.43
C GLN A 166 -16.00 -2.69 -10.15
N SER A 167 -16.77 -2.10 -11.08
CA SER A 167 -18.22 -2.12 -10.94
C SER A 167 -18.78 -3.52 -11.06
N ASN A 168 -18.13 -4.39 -11.82
CA ASN A 168 -18.56 -5.78 -11.98
C ASN A 168 -18.01 -6.69 -10.88
N ASN A 169 -17.37 -6.10 -9.86
CA ASN A 169 -16.86 -6.75 -8.65
C ASN A 169 -15.62 -7.59 -8.87
N LYS A 170 -15.07 -7.63 -10.08
CA LYS A 170 -13.70 -8.09 -10.25
C LYS A 170 -12.76 -6.93 -9.93
N TYR A 171 -11.45 -7.18 -9.97
CA TYR A 171 -10.47 -6.19 -9.58
C TYR A 171 -9.72 -5.63 -10.78
N ALA A 172 -9.21 -4.42 -10.59
CA ALA A 172 -8.35 -3.74 -11.54
C ALA A 172 -7.14 -3.19 -10.81
N ALA A 173 -6.06 -2.99 -11.56
CA ALA A 173 -4.86 -2.35 -11.03
C ALA A 173 -4.17 -1.61 -12.18
N SER A 174 -3.28 -0.70 -11.81
CA SER A 174 -2.54 0.10 -12.77
C SER A 174 -1.09 0.17 -12.35
N SER A 175 -0.20 0.33 -13.33
CA SER A 175 1.22 0.49 -13.09
C SER A 175 1.79 1.47 -14.10
N TYR A 176 2.72 2.30 -13.66
CA TYR A 176 3.30 3.35 -14.49
C TYR A 176 4.81 3.22 -14.54
N LEU A 177 5.37 3.43 -15.73
CA LEU A 177 6.82 3.53 -15.91
C LEU A 177 7.11 4.93 -16.45
N SER A 178 7.81 5.73 -15.65
CA SER A 178 8.14 7.10 -16.04
C SER A 178 9.52 7.10 -16.67
N LEU A 179 9.62 7.64 -17.89
CA LEU A 179 10.85 7.73 -18.64
C LEU A 179 11.02 9.13 -19.19
N THR A 180 12.26 9.48 -19.51
CA THR A 180 12.47 10.63 -20.35
C THR A 180 12.17 10.25 -21.79
N PRO A 181 11.81 11.22 -22.63
CA PRO A 181 11.60 10.90 -24.06
C PRO A 181 12.80 10.23 -24.70
N GLU A 182 14.02 10.55 -24.27
CA GLU A 182 15.21 9.97 -24.90
C GLU A 182 15.30 8.47 -24.63
N GLN A 183 15.10 8.05 -23.39
CA GLN A 183 15.24 6.64 -23.08
C GLN A 183 14.07 5.82 -23.63
N TRP A 184 12.92 6.46 -23.82
CA TRP A 184 11.82 5.80 -24.51
C TRP A 184 12.17 5.51 -25.96
N LYS A 185 12.82 6.47 -26.63
CA LYS A 185 13.20 6.28 -28.02
C LYS A 185 14.41 5.35 -28.18
N SER A 186 15.21 5.18 -27.12
CA SER A 186 16.51 4.53 -27.27
C SER A 186 16.44 3.02 -27.19
N HIS A 187 15.35 2.45 -26.70
CA HIS A 187 15.20 1.00 -26.64
C HIS A 187 14.31 0.50 -27.76
N ARG A 188 14.43 -0.79 -28.06
CA ARG A 188 13.61 -1.40 -29.10
C ARG A 188 12.19 -1.67 -28.63
N SER A 189 11.99 -1.94 -27.33
CA SER A 189 10.65 -2.22 -26.83
C SER A 189 10.63 -2.10 -25.32
N TYR A 190 9.41 -2.03 -24.79
CA TYR A 190 9.15 -2.06 -23.36
C TYR A 190 8.00 -3.03 -23.08
N SER A 191 8.06 -3.70 -21.94
CA SER A 191 7.06 -4.71 -21.61
C SER A 191 6.56 -4.54 -20.18
N CYS A 192 5.26 -4.79 -20.00
CA CYS A 192 4.62 -4.90 -18.70
C CYS A 192 4.22 -6.35 -18.46
N GLN A 193 4.75 -6.95 -17.39
CA GLN A 193 4.47 -8.34 -17.04
C GLN A 193 3.60 -8.39 -15.80
N VAL A 194 2.45 -9.04 -15.90
CA VAL A 194 1.50 -9.15 -14.80
C VAL A 194 1.40 -10.61 -14.40
N THR A 195 1.78 -10.92 -13.16
CA THR A 195 1.71 -12.27 -12.62
C THR A 195 0.47 -12.39 -11.75
N HIS A 196 -0.38 -13.36 -12.06
CA HIS A 196 -1.61 -13.62 -11.32
C HIS A 196 -1.77 -15.12 -11.16
N GLU A 197 -1.80 -15.59 -9.90
CA GLU A 197 -1.93 -17.01 -9.57
C GLU A 197 -0.77 -17.74 -10.23
N GLY A 198 -1.01 -18.74 -11.08
CA GLY A 198 0.09 -19.46 -11.71
C GLY A 198 0.27 -19.09 -13.17
N SER A 199 0.27 -17.80 -13.45
CA SER A 199 0.18 -17.32 -14.83
C SER A 199 0.77 -15.92 -14.92
N THR A 200 1.47 -15.65 -16.02
CA THR A 200 2.03 -14.34 -16.30
C THR A 200 1.60 -13.91 -17.69
N VAL A 201 1.03 -12.70 -17.79
CA VAL A 201 0.65 -12.10 -19.06
C VAL A 201 1.58 -10.91 -19.31
N GLU A 202 2.13 -10.83 -20.51
CA GLU A 202 3.07 -9.78 -20.88
C GLU A 202 2.59 -9.09 -22.15
N LYS A 203 2.50 -7.76 -22.09
CA LYS A 203 2.22 -6.92 -23.25
C LYS A 203 3.44 -6.06 -23.56
N THR A 204 3.66 -5.81 -24.86
CA THR A 204 4.85 -5.11 -25.33
C THR A 204 4.45 -3.96 -26.25
N VAL A 205 5.16 -2.84 -26.13
CA VAL A 205 5.04 -1.71 -27.05
C VAL A 205 6.44 -1.32 -27.52
N ALA A 206 6.48 -0.65 -28.67
CA ALA A 206 7.74 -0.21 -29.26
C ALA A 206 7.60 1.21 -29.77
N PRO A 207 8.62 2.04 -29.58
CA PRO A 207 8.58 3.40 -30.16
C PRO A 207 8.38 3.39 -31.66
N THR A 208 8.87 2.36 -32.36
CA THR A 208 8.60 2.21 -33.80
C THR A 208 7.31 1.40 -33.97
N GLU A 209 6.21 2.07 -33.66
CA GLU A 209 4.87 1.51 -33.90
C GLU A 209 4.00 2.56 -34.59
N PCA B 1 -12.42 -1.03 26.32
CA PCA B 1 -11.02 -1.39 26.11
CB PCA B 1 -10.89 -2.38 24.95
CG PCA B 1 -12.27 -2.60 24.38
CD PCA B 1 -13.14 -1.76 25.27
OE PCA B 1 -14.36 -1.71 25.12
C PCA B 1 -10.20 -0.14 25.83
O PCA B 1 -10.76 0.88 25.45
N PRO B 2 -8.87 -0.20 26.06
CA PRO B 2 -8.03 0.99 25.84
C PRO B 2 -8.06 1.48 24.39
N GLN B 3 -7.80 2.78 24.20
CA GLN B 3 -7.83 3.40 22.89
C GLN B 3 -6.58 4.25 22.70
N LEU B 4 -6.07 4.26 21.47
CA LEU B 4 -4.95 5.11 21.08
C LEU B 4 -5.41 6.01 19.95
N GLN B 5 -5.14 7.31 20.07
CA GLN B 5 -5.65 8.31 19.13
C GLN B 5 -4.51 9.23 18.71
N GLU B 6 -4.11 9.14 17.45
CA GLU B 6 -3.06 10.00 16.93
C GLU B 6 -3.62 11.36 16.52
N SER B 7 -2.76 12.37 16.55
CA SER B 7 -3.11 13.70 16.07
C SER B 7 -1.86 14.44 15.66
N GLY B 8 -2.04 15.46 14.81
CA GLY B 8 -0.95 16.22 14.28
C GLY B 8 -1.12 16.51 12.81
N PRO B 9 -0.18 17.26 12.23
CA PRO B 9 -0.31 17.64 10.81
C PRO B 9 -0.23 16.44 9.89
N THR B 10 -1.09 16.42 8.87
CA THR B 10 -1.11 15.37 7.88
C THR B 10 -0.42 15.76 6.58
N LEU B 11 0.11 16.98 6.49
CA LEU B 11 0.89 17.42 5.33
C LEU B 11 2.15 18.10 5.85
N VAL B 12 3.32 17.59 5.45
CA VAL B 12 4.61 18.08 5.89
C VAL B 12 5.48 18.31 4.66
N GLU B 13 6.06 19.52 4.56
CA GLU B 13 6.90 19.82 3.42
C GLU B 13 8.21 19.03 3.51
N ALA B 14 8.79 18.75 2.34
CA ALA B 14 10.03 18.00 2.27
C ALA B 14 11.13 18.73 3.05
N SER B 15 11.99 17.95 3.71
CA SER B 15 13.11 18.39 4.54
C SER B 15 12.66 19.00 5.88
N GLU B 16 11.37 19.14 6.11
CA GLU B 16 10.89 19.71 7.37
C GLU B 16 10.77 18.60 8.42
N THR B 17 10.17 18.92 9.55
CA THR B 17 10.06 18.02 10.69
C THR B 17 8.64 17.50 10.81
N LEU B 18 8.51 16.18 10.97
CA LEU B 18 7.23 15.51 11.15
C LEU B 18 7.02 15.27 12.64
N SER B 19 5.92 15.80 13.19
CA SER B 19 5.62 15.68 14.61
C SER B 19 4.22 15.12 14.79
N LEU B 20 4.10 14.12 15.66
CA LEU B 20 2.81 13.50 15.94
C LEU B 20 2.65 13.29 17.43
N THR B 21 1.41 13.44 17.90
CA THR B 21 1.04 13.19 19.28
C THR B 21 0.03 12.04 19.30
N CYS B 22 0.10 11.22 20.34
CA CYS B 22 -0.83 10.13 20.54
C CYS B 22 -1.40 10.22 21.95
N ALA B 23 -2.73 10.26 22.05
CA ALA B 23 -3.42 10.31 23.33
C ALA B 23 -3.88 8.90 23.72
N VAL B 24 -3.51 8.47 24.91
CA VAL B 24 -3.80 7.13 25.40
C VAL B 24 -4.92 7.22 26.42
N SER B 25 -5.94 6.36 26.26
CA SER B 25 -7.06 6.28 27.18
CA SER B 25 -7.07 6.28 27.18
C SER B 25 -7.25 4.83 27.60
N GLY B 26 -7.64 4.64 28.87
CA GLY B 26 -7.89 3.30 29.39
C GLY B 26 -6.66 2.52 29.80
N ASP B 27 -5.47 3.11 29.74
CA ASP B 27 -4.25 2.47 30.19
C ASP B 27 -3.30 3.56 30.65
N SER B 28 -2.27 3.17 31.41
CA SER B 28 -1.33 4.13 31.99
C SER B 28 0.02 4.01 31.30
N THR B 29 0.47 5.09 30.67
CA THR B 29 1.80 5.13 30.09
C THR B 29 2.89 5.07 31.15
N ALA B 30 2.55 5.26 32.43
CA ALA B 30 3.52 5.20 33.52
C ALA B 30 3.71 3.80 34.07
N ALA B 31 2.75 2.89 33.85
CA ALA B 31 2.91 1.52 34.30
C ALA B 31 4.03 0.83 33.53
N CYS B 32 4.48 -0.31 34.06
CA CYS B 32 5.66 -0.99 33.56
C CYS B 32 5.33 -2.21 32.71
N ASN B 33 4.06 -2.42 32.34
CA ASN B 33 3.67 -3.59 31.59
C ASN B 33 4.00 -3.48 30.10
N SER B 34 4.11 -2.28 29.56
CA SER B 34 4.16 -2.11 28.12
C SER B 34 5.20 -1.08 27.73
N PHE B 35 5.71 -1.21 26.52
CA PHE B 35 6.38 -0.13 25.84
C PHE B 35 5.38 0.61 24.95
N TRP B 36 5.73 1.86 24.61
CA TRP B 36 4.87 2.71 23.82
C TRP B 36 5.66 3.27 22.66
N GLY B 37 5.06 3.27 21.48
CA GLY B 37 5.78 3.75 20.31
C GLY B 37 4.97 3.83 19.04
N TRP B 38 5.61 3.53 17.91
CA TRP B 38 5.05 3.84 16.61
C TRP B 38 5.41 2.77 15.61
N VAL B 39 4.46 2.48 14.72
CA VAL B 39 4.68 1.68 13.52
C VAL B 39 4.11 2.49 12.36
N ARG B 40 4.76 2.39 11.20
CA ARG B 40 4.30 3.13 10.03
C ARG B 40 4.13 2.19 8.85
N GLN B 41 3.42 2.68 7.84
CA GLN B 41 3.02 1.86 6.69
C GLN B 41 2.84 2.78 5.50
N PRO B 42 3.79 2.77 4.56
CA PRO B 42 3.61 3.53 3.34
C PRO B 42 2.38 3.03 2.59
N PRO B 43 1.69 3.90 1.87
CA PRO B 43 0.48 3.48 1.13
C PRO B 43 0.79 2.34 0.18
N GLY B 44 0.08 1.22 0.37
CA GLY B 44 0.24 0.07 -0.49
C GLY B 44 1.41 -0.83 -0.16
N LYS B 45 2.12 -0.57 0.94
CA LYS B 45 3.27 -1.39 1.34
C LYS B 45 3.02 -1.98 2.73
N GLY B 46 4.05 -2.59 3.30
CA GLY B 46 3.94 -3.32 4.54
C GLY B 46 4.21 -2.45 5.76
N LEU B 47 4.28 -3.12 6.92
CA LEU B 47 4.49 -2.46 8.20
C LEU B 47 5.97 -2.25 8.45
N GLU B 48 6.31 -1.11 9.05
CA GLU B 48 7.69 -0.80 9.38
C GLU B 48 7.76 -0.26 10.80
N TRP B 49 8.48 -0.97 11.67
CA TRP B 49 8.68 -0.54 13.04
C TRP B 49 9.46 0.77 13.08
N VAL B 50 8.98 1.70 13.90
CA VAL B 50 9.65 2.99 14.10
C VAL B 50 10.45 3.01 15.39
N GLY B 51 9.84 2.59 16.48
CA GLY B 51 10.52 2.57 17.77
C GLY B 51 9.52 2.59 18.90
N SER B 52 10.06 2.40 20.10
CA SER B 52 9.24 2.44 21.31
C SER B 52 10.12 2.86 22.48
N LEU B 53 9.47 3.25 23.57
CA LEU B 53 10.21 3.64 24.77
C LEU B 53 9.38 3.29 26.01
N SER B 54 10.04 3.39 27.16
CA SER B 54 9.41 3.16 28.45
C SER B 54 10.14 4.01 29.49
N HIS B 55 9.39 4.54 30.45
CA HIS B 55 9.97 5.34 31.52
C HIS B 55 10.20 4.54 32.79
N CYS B 56 9.96 3.23 32.76
CA CYS B 56 10.22 2.38 33.91
C CYS B 56 11.70 2.03 33.94
N ALA B 57 12.41 2.59 34.92
CA ALA B 57 13.86 2.48 34.96
C ALA B 57 14.31 1.19 35.64
N SER B 58 15.46 0.68 35.21
CA SER B 58 16.21 -0.30 35.98
C SER B 58 17.19 0.44 36.88
N TYR B 59 17.97 -0.30 37.66
CA TYR B 59 18.87 0.39 38.58
C TYR B 59 20.11 0.94 37.89
N TRP B 60 20.24 0.79 36.57
CA TRP B 60 21.39 1.32 35.84
C TRP B 60 20.98 2.27 34.71
N ASN B 61 19.75 2.74 34.70
CA ASN B 61 19.32 3.72 33.69
C ASN B 61 18.06 4.43 34.20
N ARG B 62 17.55 5.35 33.37
CA ARG B 62 16.32 6.06 33.66
C ARG B 62 15.16 5.61 32.78
N GLY B 63 15.31 4.48 32.07
CA GLY B 63 14.30 3.99 31.17
C GLY B 63 14.95 3.32 29.98
N TRP B 64 14.15 3.08 28.94
CA TRP B 64 14.60 2.38 27.75
C TRP B 64 14.02 3.03 26.51
N THR B 65 14.84 3.16 25.47
CA THR B 65 14.41 3.72 24.19
C THR B 65 15.03 2.92 23.07
N TYR B 66 14.19 2.38 22.19
CA TYR B 66 14.62 1.54 21.07
C TYR B 66 14.18 2.19 19.77
N HIS B 67 15.11 2.35 18.83
CA HIS B 67 14.82 2.95 17.54
C HIS B 67 15.09 1.97 16.40
N ASN B 68 14.30 2.10 15.35
CA ASN B 68 14.66 1.51 14.06
C ASN B 68 16.02 2.08 13.64
N PRO B 69 17.03 1.23 13.46
CA PRO B 69 18.39 1.78 13.20
C PRO B 69 18.47 2.68 11.98
N SER B 70 17.63 2.47 10.96
CA SER B 70 17.65 3.31 9.77
C SER B 70 16.98 4.67 9.99
N LEU B 71 16.31 4.87 11.13
CA LEU B 71 15.68 6.14 11.44
C LEU B 71 16.32 6.85 12.62
N LYS B 72 17.28 6.21 13.30
CA LYS B 72 17.74 6.72 14.60
C LYS B 72 18.30 8.13 14.48
N SER B 73 19.02 8.42 13.39
CA SER B 73 19.67 9.73 13.26
C SER B 73 18.67 10.87 13.14
N ARG B 74 17.42 10.58 12.81
CA ARG B 74 16.40 11.61 12.63
C ARG B 74 15.25 11.51 13.62
N LEU B 75 15.26 10.53 14.52
CA LEU B 75 14.08 10.15 15.27
C LEU B 75 14.21 10.54 16.73
N THR B 76 13.13 11.08 17.29
CA THR B 76 13.03 11.34 18.72
C THR B 76 11.67 10.88 19.21
N LEU B 77 11.68 10.12 20.30
CA LEU B 77 10.47 9.63 20.93
C LEU B 77 10.38 10.22 22.33
N ALA B 78 9.17 10.35 22.83
CA ALA B 78 8.97 10.94 24.15
C ALA B 78 7.65 10.47 24.73
N LEU B 79 7.58 10.52 26.06
CA LEU B 79 6.39 10.22 26.83
C LEU B 79 6.12 11.35 27.80
N ASP B 80 4.85 11.75 27.91
CA ASP B 80 4.37 12.66 28.94
C ASP B 80 3.34 11.88 29.74
N THR B 81 3.79 11.19 30.78
CA THR B 81 2.92 10.26 31.50
C THR B 81 1.81 10.96 32.30
N PRO B 82 2.02 12.12 32.92
CA PRO B 82 0.87 12.78 33.59
C PRO B 82 -0.28 13.08 32.64
N LYS B 83 0.00 13.32 31.36
CA LYS B 83 -1.03 13.57 30.37
C LYS B 83 -1.33 12.35 29.52
N ASN B 84 -0.60 11.24 29.72
CA ASN B 84 -0.81 10.00 28.98
C ASN B 84 -0.65 10.22 27.47
N LEU B 85 0.45 10.87 27.09
CA LEU B 85 0.71 11.21 25.70
C LEU B 85 2.00 10.54 25.23
N VAL B 86 1.98 10.11 23.96
CA VAL B 86 3.15 9.57 23.28
C VAL B 86 3.48 10.51 22.13
N PHE B 87 4.77 10.76 21.93
CA PHE B 87 5.21 11.72 20.93
C PHE B 87 6.18 11.09 19.93
N LEU B 88 6.13 11.58 18.71
CA LEU B 88 7.06 11.21 17.64
C LEU B 88 7.58 12.49 16.99
N LYS B 89 8.88 12.54 16.77
CA LYS B 89 9.51 13.64 16.03
C LYS B 89 10.50 13.05 15.05
N LEU B 90 10.37 13.44 13.78
CA LEU B 90 11.19 12.88 12.70
C LEU B 90 11.65 14.03 11.82
N ASN B 91 12.95 14.33 11.87
CA ASN B 91 13.51 15.44 11.12
C ASN B 91 13.77 15.06 9.66
N SER B 92 13.88 16.09 8.83
CA SER B 92 14.38 15.98 7.46
C SER B 92 13.62 14.92 6.66
N VAL B 93 12.30 15.07 6.60
CA VAL B 93 11.47 14.08 5.94
C VAL B 93 11.63 14.18 4.43
N THR B 94 11.59 13.02 3.77
CA THR B 94 11.56 12.94 2.32
C THR B 94 10.30 12.20 1.90
N ALA B 95 10.15 12.00 0.58
CA ALA B 95 9.01 11.27 0.06
C ALA B 95 8.91 9.87 0.67
N ALA B 96 10.06 9.28 1.04
CA ALA B 96 10.07 7.94 1.61
C ALA B 96 9.45 7.88 3.00
N ASP B 97 9.10 9.03 3.59
CA ASP B 97 8.48 9.06 4.91
C ASP B 97 6.95 9.21 4.84
N THR B 98 6.39 9.38 3.65
CA THR B 98 4.95 9.40 3.50
C THR B 98 4.37 8.04 3.89
N ALA B 99 3.49 8.04 4.89
CA ALA B 99 3.00 6.78 5.42
C ALA B 99 1.83 7.05 6.35
N THR B 100 1.08 5.99 6.64
CA THR B 100 0.15 5.98 7.76
C THR B 100 0.93 5.66 9.03
N TYR B 101 0.90 6.56 10.00
CA TYR B 101 1.61 6.38 11.26
C TYR B 101 0.62 5.87 12.31
N TYR B 102 0.95 4.74 12.92
CA TYR B 102 0.13 4.13 13.95
C TYR B 102 0.80 4.29 15.30
N CYS B 103 0.07 4.84 16.26
CA CYS B 103 0.46 4.74 17.65
C CYS B 103 0.31 3.30 18.10
N ALA B 104 1.24 2.84 18.93
CA ALA B 104 1.30 1.40 19.22
C ALA B 104 1.73 1.14 20.65
N ARG B 105 1.08 0.18 21.27
CA ARG B 105 1.49 -0.36 22.57
C ARG B 105 2.13 -1.73 22.35
N PHE B 106 3.33 -1.92 22.89
CA PHE B 106 4.13 -3.11 22.66
C PHE B 106 4.12 -4.02 23.88
N GLY B 107 4.05 -5.33 23.62
CA GLY B 107 4.18 -6.33 24.65
C GLY B 107 5.35 -7.26 24.38
N GLY B 108 5.50 -8.24 25.28
CA GLY B 108 6.61 -9.19 25.20
C GLY B 108 7.18 -9.47 26.56
N GLU B 109 8.52 -9.55 26.66
CA GLU B 109 9.19 -9.67 27.96
C GLU B 109 9.51 -8.27 28.46
N VAL B 110 8.50 -7.64 29.05
CA VAL B 110 8.58 -6.24 29.47
C VAL B 110 8.55 -6.10 30.99
N LEU B 111 7.52 -6.64 31.63
CA LEU B 111 7.40 -6.50 33.09
C LEU B 111 8.53 -7.23 33.80
N ARG B 112 8.80 -8.46 33.38
CA ARG B 112 9.94 -9.23 33.88
C ARG B 112 10.81 -9.64 32.71
N TYR B 113 12.12 -9.53 32.87
CA TYR B 113 13.03 -9.76 31.77
C TYR B 113 14.39 -10.16 32.30
N THR B 114 15.21 -10.71 31.41
CA THR B 114 16.63 -10.93 31.66
C THR B 114 17.43 -10.00 30.76
N ASP B 115 18.38 -9.28 31.36
CA ASP B 115 19.30 -8.37 30.67
C ASP B 115 18.61 -7.09 30.22
N TRP B 116 17.53 -7.18 29.43
CA TRP B 116 16.85 -5.99 28.96
C TRP B 116 15.44 -6.36 28.55
N PRO B 117 14.48 -5.44 28.67
CA PRO B 117 13.12 -5.73 28.22
C PRO B 117 13.07 -5.94 26.71
N LYS B 118 12.15 -6.81 26.29
CA LYS B 118 12.03 -7.20 24.88
C LYS B 118 10.59 -6.96 24.44
N PRO B 119 10.25 -5.73 24.04
CA PRO B 119 8.93 -5.46 23.45
C PRO B 119 8.92 -5.97 22.01
N ALA B 120 8.16 -7.04 21.78
CA ALA B 120 8.27 -7.80 20.53
C ALA B 120 7.04 -7.73 19.64
N TRP B 121 5.86 -7.40 20.17
CA TRP B 121 4.65 -7.40 19.37
C TRP B 121 3.77 -6.23 19.78
N VAL B 122 2.92 -5.80 18.85
CA VAL B 122 2.01 -4.68 19.05
C VAL B 122 0.65 -5.24 19.44
N ASP B 123 0.27 -5.09 20.71
CA ASP B 123 -1.00 -5.65 21.19
C ASP B 123 -2.13 -4.63 21.21
N LEU B 124 -1.86 -3.38 20.84
CA LEU B 124 -2.88 -2.35 20.77
C LEU B 124 -2.45 -1.30 19.75
N TRP B 125 -3.31 -1.04 18.77
CA TRP B 125 -2.99 -0.17 17.65
C TRP B 125 -3.89 1.06 17.67
N GLY B 126 -3.32 2.20 17.33
CA GLY B 126 -4.12 3.37 17.05
C GLY B 126 -4.85 3.22 15.73
N ARG B 127 -5.74 4.17 15.46
CA ARG B 127 -6.45 4.14 14.18
C ARG B 127 -5.54 4.47 13.01
N GLY B 128 -4.44 5.17 13.25
CA GLY B 128 -3.52 5.54 12.21
C GLY B 128 -3.85 6.88 11.58
N THR B 129 -2.83 7.65 11.23
CA THR B 129 -3.03 8.92 10.54
C THR B 129 -2.05 8.99 9.37
N LEU B 130 -2.58 9.28 8.19
CA LEU B 130 -1.78 9.32 6.98
C LEU B 130 -1.09 10.68 6.89
N VAL B 131 0.24 10.66 6.96
CA VAL B 131 1.04 11.87 6.79
C VAL B 131 1.63 11.85 5.40
N THR B 132 1.40 12.93 4.64
CA THR B 132 1.92 13.09 3.30
C THR B 132 3.08 14.07 3.31
N VAL B 133 4.23 13.63 2.80
CA VAL B 133 5.41 14.49 2.69
C VAL B 133 5.46 15.02 1.25
N SER B 134 5.25 16.32 1.11
CA SER B 134 5.28 16.95 -0.21
C SER B 134 5.36 18.47 -0.07
N SER B 135 6.28 19.09 -0.79
CA SER B 135 6.42 20.54 -0.80
C SER B 135 5.52 21.21 -1.84
N ALA B 136 4.66 20.45 -2.49
CA ALA B 136 3.85 20.98 -3.58
C ALA B 136 2.80 21.96 -3.06
N SER B 137 2.38 22.86 -3.94
CA SER B 137 1.25 23.74 -3.70
C SER B 137 0.06 23.26 -4.53
N THR B 138 -1.09 23.91 -4.33
CA THR B 138 -2.27 23.57 -5.11
C THR B 138 -2.00 23.76 -6.60
N LYS B 139 -2.34 22.74 -7.39
CA LYS B 139 -2.01 22.74 -8.81
C LYS B 139 -3.00 21.85 -9.55
N GLY B 140 -3.59 22.38 -10.61
CA GLY B 140 -4.51 21.63 -11.43
C GLY B 140 -3.80 20.58 -12.27
N PRO B 141 -4.56 19.61 -12.79
CA PRO B 141 -3.95 18.51 -13.53
C PRO B 141 -3.76 18.80 -15.01
N SER B 142 -2.77 18.13 -15.59
CA SER B 142 -2.61 18.02 -17.03
C SER B 142 -3.19 16.69 -17.47
N VAL B 143 -4.05 16.72 -18.49
CA VAL B 143 -4.78 15.55 -18.94
C VAL B 143 -4.24 15.14 -20.32
N PHE B 144 -3.80 13.89 -20.44
CA PHE B 144 -3.29 13.34 -21.67
C PHE B 144 -4.13 12.16 -22.11
N PRO B 145 -4.32 11.99 -23.41
CA PRO B 145 -5.16 10.88 -23.89
C PRO B 145 -4.41 9.57 -23.94
N LEU B 146 -5.13 8.50 -23.65
CA LEU B 146 -4.66 7.12 -23.81
C LEU B 146 -5.44 6.56 -25.00
N ALA B 147 -4.88 6.73 -26.20
CA ALA B 147 -5.64 6.54 -27.42
C ALA B 147 -5.73 5.06 -27.78
N PRO B 148 -6.87 4.62 -28.31
CA PRO B 148 -6.98 3.24 -28.80
C PRO B 148 -6.41 3.13 -30.21
N SER B 149 -6.24 1.88 -30.64
CA SER B 149 -5.84 1.60 -32.01
C SER B 149 -7.07 1.49 -32.90
N SER B 150 -6.91 1.89 -34.16
CA SER B 150 -8.00 1.87 -35.13
C SER B 150 -8.46 0.44 -35.41
N THR B 153 -9.18 -3.39 -30.18
CA THR B 153 -7.87 -3.67 -29.60
C THR B 153 -7.75 -5.15 -29.23
N SER B 154 -8.87 -5.75 -28.85
CA SER B 154 -8.87 -7.14 -28.38
C SER B 154 -10.29 -7.70 -28.54
N GLY B 155 -10.52 -8.41 -29.64
CA GLY B 155 -11.77 -9.12 -29.84
C GLY B 155 -13.00 -8.25 -30.00
N GLY B 156 -12.92 -7.21 -30.83
CA GLY B 156 -14.07 -6.38 -31.12
C GLY B 156 -14.25 -5.19 -30.21
N THR B 157 -13.58 -5.15 -29.07
CA THR B 157 -13.66 -4.03 -28.14
C THR B 157 -12.32 -3.32 -28.05
N ALA B 158 -12.35 -2.06 -27.62
CA ALA B 158 -11.16 -1.24 -27.55
C ALA B 158 -11.12 -0.52 -26.22
N ALA B 159 -9.95 -0.51 -25.59
CA ALA B 159 -9.73 0.26 -24.37
C ALA B 159 -9.17 1.62 -24.72
N LEU B 160 -9.68 2.65 -24.04
CA LEU B 160 -9.17 4.00 -24.19
C LEU B 160 -9.35 4.71 -22.86
N GLY B 161 -8.58 5.76 -22.65
CA GLY B 161 -8.65 6.41 -21.36
C GLY B 161 -7.94 7.75 -21.32
N CYS B 162 -7.75 8.22 -20.09
CA CYS B 162 -7.15 9.52 -19.82
C CYS B 162 -6.10 9.36 -18.73
N LEU B 163 -4.94 9.98 -18.94
CA LEU B 163 -3.91 10.08 -17.92
C LEU B 163 -4.01 11.46 -17.28
N VAL B 164 -4.32 11.49 -15.99
CA VAL B 164 -4.50 12.74 -15.24
C VAL B 164 -3.24 12.93 -14.40
N LYS B 165 -2.41 13.89 -14.80
CA LYS B 165 -1.04 13.97 -14.35
C LYS B 165 -0.78 15.23 -13.53
N ASP B 166 -0.03 15.07 -12.44
CA ASP B 166 0.68 16.17 -11.76
C ASP B 166 -0.28 17.19 -11.15
N TYR B 167 -1.18 16.70 -10.31
CA TYR B 167 -2.08 17.60 -9.60
C TYR B 167 -1.85 17.49 -8.10
N PHE B 168 -2.39 18.47 -7.38
CA PHE B 168 -2.27 18.53 -5.93
C PHE B 168 -3.25 19.54 -5.36
N PRO B 169 -3.93 19.24 -4.25
CA PRO B 169 -3.91 17.93 -3.59
C PRO B 169 -4.97 17.00 -4.17
N GLU B 170 -5.29 15.92 -3.46
CA GLU B 170 -6.43 15.11 -3.83
C GLU B 170 -7.72 15.80 -3.39
N PRO B 171 -8.87 15.44 -3.99
CA PRO B 171 -9.10 14.42 -5.01
C PRO B 171 -9.42 14.96 -6.39
N VAL B 172 -9.33 14.06 -7.38
CA VAL B 172 -9.80 14.29 -8.73
C VAL B 172 -10.91 13.28 -9.01
N THR B 173 -11.98 13.73 -9.66
CA THR B 173 -13.04 12.84 -10.13
C THR B 173 -13.09 12.89 -11.65
N VAL B 174 -13.40 11.74 -12.26
CA VAL B 174 -13.41 11.58 -13.70
C VAL B 174 -14.74 10.99 -14.13
N SER B 175 -15.35 11.57 -15.15
CA SER B 175 -16.49 10.99 -15.83
C SER B 175 -16.19 10.94 -17.32
N TRP B 176 -17.07 10.29 -18.07
CA TRP B 176 -16.90 10.17 -19.51
C TRP B 176 -18.17 10.65 -20.21
N ASN B 177 -17.98 11.47 -21.24
CA ASN B 177 -19.07 12.03 -22.02
C ASN B 177 -20.13 12.66 -21.12
N SER B 178 -19.65 13.45 -20.15
CA SER B 178 -20.51 14.17 -19.21
C SER B 178 -21.49 13.24 -18.50
N GLY B 179 -21.06 12.01 -18.24
CA GLY B 179 -21.88 11.03 -17.55
C GLY B 179 -22.74 10.16 -18.46
N ALA B 180 -22.78 10.44 -19.76
CA ALA B 180 -23.54 9.59 -20.67
C ALA B 180 -22.91 8.22 -20.86
N LEU B 181 -21.62 8.07 -20.57
CA LEU B 181 -20.91 6.80 -20.69
C LEU B 181 -20.44 6.37 -19.31
N THR B 182 -21.03 5.31 -18.77
CA THR B 182 -20.65 4.81 -17.45
C THR B 182 -20.32 3.33 -17.52
N SER B 183 -20.93 2.61 -18.43
CA SER B 183 -20.70 1.18 -18.54
C SER B 183 -19.29 0.91 -19.04
N GLY B 184 -18.57 0.04 -18.33
CA GLY B 184 -17.21 -0.28 -18.68
C GLY B 184 -16.19 0.76 -18.27
N VAL B 185 -16.57 1.71 -17.44
CA VAL B 185 -15.64 2.75 -16.96
C VAL B 185 -15.00 2.29 -15.67
N HIS B 186 -13.70 2.53 -15.53
CA HIS B 186 -13.02 2.38 -14.26
C HIS B 186 -11.99 3.49 -14.10
N THR B 187 -12.07 4.19 -12.98
CA THR B 187 -11.09 5.20 -12.60
C THR B 187 -10.25 4.66 -11.45
N PHE B 188 -8.93 4.74 -11.60
CA PHE B 188 -7.97 4.08 -10.71
C PHE B 188 -7.60 4.98 -9.54
N PRO B 189 -7.05 4.39 -8.47
CA PRO B 189 -6.53 5.22 -7.38
C PRO B 189 -5.34 6.04 -7.82
N ALA B 190 -5.13 7.16 -7.14
CA ALA B 190 -4.03 8.05 -7.48
C ALA B 190 -2.71 7.50 -6.95
N VAL B 191 -1.63 7.89 -7.62
CA VAL B 191 -0.27 7.59 -7.19
C VAL B 191 0.40 8.91 -6.82
N LEU B 192 1.09 8.92 -5.68
CA LEU B 192 1.89 10.06 -5.29
C LEU B 192 3.31 9.86 -5.84
N GLN B 193 3.69 10.69 -6.79
CA GLN B 193 5.00 10.57 -7.41
C GLN B 193 6.07 11.17 -6.52
N SER B 194 7.34 10.85 -6.84
CA SER B 194 8.45 11.36 -6.07
C SER B 194 8.56 12.88 -6.17
N SER B 195 7.90 13.50 -7.15
CA SER B 195 7.87 14.94 -7.26
C SER B 195 6.94 15.59 -6.26
N GLY B 196 6.13 14.80 -5.55
CA GLY B 196 5.15 15.34 -4.62
C GLY B 196 3.81 15.65 -5.23
N LEU B 197 3.54 15.20 -6.46
CA LEU B 197 2.28 15.45 -7.14
C LEU B 197 1.60 14.12 -7.43
N TYR B 198 0.29 14.17 -7.57
CA TYR B 198 -0.49 12.97 -7.80
C TYR B 198 -0.75 12.74 -9.29
N SER B 199 -0.93 11.47 -9.65
CA SER B 199 -1.38 11.09 -10.97
C SER B 199 -2.34 9.92 -10.85
N LEU B 200 -3.33 9.88 -11.73
CA LEU B 200 -4.20 8.72 -11.85
C LEU B 200 -4.58 8.55 -13.31
N SER B 201 -5.25 7.44 -13.59
CA SER B 201 -5.76 7.17 -14.93
CA SER B 201 -5.75 7.14 -14.92
C SER B 201 -7.21 6.70 -14.83
N SER B 202 -7.94 6.94 -15.90
CA SER B 202 -9.30 6.46 -16.07
C SER B 202 -9.38 5.75 -17.40
N VAL B 203 -10.08 4.62 -17.44
CA VAL B 203 -10.15 3.80 -18.65
C VAL B 203 -11.59 3.41 -18.89
N VAL B 204 -11.93 3.20 -20.16
CA VAL B 204 -13.25 2.69 -20.54
C VAL B 204 -13.06 1.78 -21.76
N THR B 205 -13.83 0.70 -21.78
CA THR B 205 -13.83 -0.23 -22.90
C THR B 205 -15.09 -0.03 -23.72
N VAL B 206 -14.93 0.13 -25.03
CA VAL B 206 -16.04 0.43 -25.93
C VAL B 206 -15.94 -0.48 -27.15
N PRO B 207 -17.01 -0.62 -27.92
CA PRO B 207 -16.92 -1.38 -29.17
C PRO B 207 -16.00 -0.68 -30.17
N SER B 208 -15.18 -1.48 -30.86
CA SER B 208 -14.25 -0.91 -31.83
C SER B 208 -14.98 -0.24 -32.99
N SER B 209 -16.17 -0.74 -33.34
CA SER B 209 -16.92 -0.16 -34.45
C SER B 209 -17.36 1.28 -34.16
N SER B 210 -17.39 1.68 -32.90
CA SER B 210 -17.83 3.02 -32.52
C SER B 210 -16.71 4.05 -32.60
N LEU B 211 -15.47 3.64 -32.83
CA LEU B 211 -14.34 4.58 -32.75
C LEU B 211 -14.41 5.64 -33.84
N GLY B 212 -15.02 5.33 -34.97
CA GLY B 212 -15.07 6.29 -36.07
C GLY B 212 -16.22 7.26 -35.99
N THR B 213 -17.28 6.89 -35.28
CA THR B 213 -18.50 7.67 -35.25
C THR B 213 -18.80 8.31 -33.90
N GLN B 214 -18.34 7.71 -32.80
CA GLN B 214 -18.67 8.17 -31.46
C GLN B 214 -17.48 8.97 -30.89
N THR B 215 -17.77 10.15 -30.37
CA THR B 215 -16.76 10.97 -29.71
C THR B 215 -16.65 10.58 -28.24
N TYR B 216 -15.42 10.45 -27.76
CA TYR B 216 -15.15 10.06 -26.38
C TYR B 216 -14.35 11.16 -25.68
N ILE B 217 -14.92 11.70 -24.62
CA ILE B 217 -14.36 12.84 -23.89
C ILE B 217 -14.38 12.49 -22.41
N CYS B 218 -13.22 12.55 -21.76
CA CYS B 218 -13.16 12.38 -20.32
C CYS B 218 -13.23 13.74 -19.66
N ASN B 219 -13.98 13.81 -18.56
CA ASN B 219 -14.24 15.07 -17.86
C ASN B 219 -13.57 14.98 -16.49
N VAL B 220 -12.51 15.76 -16.31
CA VAL B 220 -11.69 15.72 -15.10
C VAL B 220 -12.03 16.93 -14.26
N ASN B 221 -12.45 16.69 -13.02
CA ASN B 221 -12.83 17.75 -12.09
C ASN B 221 -11.85 17.77 -10.93
N HIS B 222 -11.21 18.92 -10.71
CA HIS B 222 -10.29 19.12 -9.60
C HIS B 222 -10.77 20.33 -8.81
N LYS B 223 -11.68 20.08 -7.87
CA LYS B 223 -12.26 21.19 -7.10
C LYS B 223 -11.25 21.98 -6.27
N PRO B 224 -10.19 21.38 -5.69
CA PRO B 224 -9.25 22.21 -4.92
C PRO B 224 -8.64 23.37 -5.70
N SER B 225 -8.51 23.25 -7.02
CA SER B 225 -7.99 24.34 -7.85
C SER B 225 -9.08 24.98 -8.71
N ASN B 226 -10.34 24.63 -8.49
CA ASN B 226 -11.45 25.16 -9.28
C ASN B 226 -11.22 24.96 -10.77
N THR B 227 -10.76 23.75 -11.13
CA THR B 227 -10.40 23.41 -12.50
C THR B 227 -11.27 22.26 -12.98
N LYS B 228 -11.73 22.36 -14.23
CA LYS B 228 -12.34 21.27 -14.94
C LYS B 228 -11.67 21.17 -16.31
N VAL B 229 -11.39 19.94 -16.74
CA VAL B 229 -10.73 19.69 -18.02
C VAL B 229 -11.53 18.64 -18.78
N ASP B 230 -11.93 18.98 -20.00
CA ASP B 230 -12.51 18.02 -20.93
C ASP B 230 -11.48 17.74 -22.02
N LYS B 231 -11.15 16.46 -22.20
CA LYS B 231 -10.13 16.03 -23.15
C LYS B 231 -10.73 15.04 -24.13
N ARG B 232 -10.73 15.41 -25.41
CA ARG B 232 -11.18 14.50 -26.45
C ARG B 232 -10.12 13.43 -26.66
N VAL B 233 -10.55 12.16 -26.66
CA VAL B 233 -9.66 11.03 -26.88
C VAL B 233 -9.98 10.46 -28.25
N GLU B 234 -9.03 10.57 -29.18
CA GLU B 234 -9.20 10.19 -30.56
C GLU B 234 -8.31 9.02 -30.93
N PRO B 235 -8.74 8.17 -31.88
CA PRO B 235 -7.92 7.01 -32.25
C PRO B 235 -6.56 7.42 -32.81
N LYS B 236 -5.59 6.52 -32.62
CA LYS B 236 -4.22 6.76 -33.09
C LYS B 236 -4.20 6.86 -34.61
N SER B 237 -3.19 7.57 -35.12
CA SER B 237 -2.99 7.70 -36.56
C SER B 237 -1.71 6.99 -37.00
C1 MAN C . 24.94 -2.35 29.59
C2 MAN C . 25.06 -0.94 28.97
C3 MAN C . 24.06 -0.74 27.83
C4 MAN C . 24.13 -1.92 26.87
C5 MAN C . 23.81 -3.20 27.62
C6 MAN C . 23.86 -4.43 26.72
O1 MAN C . 23.85 -2.30 30.50
O2 MAN C . 26.35 -0.75 28.36
O3 MAN C . 24.29 0.48 27.14
O4 MAN C . 23.20 -1.74 25.80
O5 MAN C . 24.81 -3.39 28.65
O6 MAN C . 25.11 -4.42 26.05
C1 MAN C . 23.05 1.24 27.07
C2 MAN C . 23.18 2.29 25.92
C3 MAN C . 24.12 3.41 26.35
C4 MAN C . 23.68 3.98 27.71
C5 MAN C . 23.73 2.85 28.73
C6 MAN C . 23.38 3.29 30.15
O2 MAN C . 21.92 2.94 25.62
O3 MAN C . 24.19 4.46 25.38
O4 MAN C . 24.53 5.04 28.11
O5 MAN C . 22.78 1.84 28.34
O6 MAN C . 22.01 3.01 30.38
C1 MAN C . 21.26 2.28 24.53
C2 MAN C . 20.13 3.21 23.99
C3 MAN C . 19.01 3.30 25.04
C4 MAN C . 18.52 1.90 25.37
C5 MAN C . 19.68 1.09 25.93
C6 MAN C . 19.32 -0.33 26.30
O2 MAN C . 19.49 2.64 22.86
O3 MAN C . 17.92 4.11 24.59
O4 MAN C . 17.47 1.96 26.32
O5 MAN C . 20.74 1.03 24.93
O6 MAN C . 20.50 -1.01 26.70
C1 MAN C . 19.83 3.36 21.65
C2 MAN C . 18.68 3.08 20.64
C3 MAN C . 18.69 1.60 20.23
C4 MAN C . 20.10 1.13 19.80
C5 MAN C . 21.15 1.52 20.86
C6 MAN C . 22.57 1.23 20.42
O2 MAN C . 18.87 3.80 19.43
O3 MAN C . 17.74 1.34 19.21
O4 MAN C . 20.09 -0.28 19.64
O5 MAN C . 21.06 2.93 21.14
O6 MAN C . 23.40 1.19 21.58
C1 MAN C . 25.10 -5.40 24.99
C2 MAN C . 26.58 -5.76 24.70
C3 MAN C . 27.29 -4.60 24.00
C4 MAN C . 26.49 -4.09 22.80
C5 MAN C . 25.04 -3.74 23.22
C6 MAN C . 24.19 -3.39 22.03
O2 MAN C . 26.67 -6.88 23.81
O3 MAN C . 28.60 -4.99 23.57
O4 MAN C . 27.11 -2.93 22.26
O5 MAN C . 24.44 -4.90 23.84
O6 MAN C . 24.53 -4.33 21.01
C1 MAN C . 23.74 -4.11 19.81
C2 MAN C . 24.12 -5.22 18.82
C3 MAN C . 25.58 -5.06 18.47
C4 MAN C . 25.78 -3.70 17.80
C5 MAN C . 25.34 -2.57 18.76
C6 MAN C . 25.32 -1.22 18.09
O2 MAN C . 23.44 -5.04 17.58
O3 MAN C . 26.05 -6.10 17.61
O4 MAN C . 27.15 -3.52 17.45
O5 MAN C . 24.00 -2.82 19.26
O6 MAN C . 24.22 -1.22 17.17
C1 MAN C . 22.34 -5.96 17.43
C2 MAN C . 22.06 -6.07 15.92
C3 MAN C . 21.50 -4.74 15.42
C4 MAN C . 20.27 -4.34 16.24
C5 MAN C . 20.68 -4.24 17.72
C6 MAN C . 19.52 -3.88 18.64
O2 MAN C . 21.04 -7.04 15.66
O3 MAN C . 21.19 -4.79 14.03
O4 MAN C . 19.77 -3.09 15.80
O5 MAN C . 21.20 -5.52 18.15
O6 MAN C . 18.58 -4.95 18.64
C1 GOL D . -1.00 -13.30 -7.74
O1 GOL D . -2.10 -14.06 -7.33
C2 GOL D . 0.25 -13.91 -7.09
O2 GOL D . 1.32 -13.96 -7.98
C3 GOL D . 0.55 -12.99 -5.88
O3 GOL D . 0.61 -11.68 -6.37
C1 GOL E . -15.53 -19.60 -5.88
O1 GOL E . -14.37 -19.96 -6.58
C2 GOL E . -16.75 -20.18 -6.64
O2 GOL E . -17.00 -21.49 -6.28
C3 GOL E . -17.92 -19.24 -6.29
O3 GOL E . -18.60 -18.93 -7.47
C1 GOL F . -15.80 -12.44 -1.11
O1 GOL F . -15.23 -13.16 -0.05
C2 GOL F . -14.69 -11.52 -1.67
O2 GOL F . -13.53 -12.22 -1.96
C3 GOL F . -15.31 -10.89 -2.94
O3 GOL F . -14.48 -9.83 -3.31
C1 EDO G . 10.03 -9.76 -23.91
O1 EDO G . 11.46 -9.70 -24.04
C2 EDO G . 9.38 -9.56 -25.26
O2 EDO G . 9.73 -8.29 -25.81
C1 EDO H . -5.19 -1.29 3.90
O1 EDO H . -3.87 -1.64 3.45
C2 EDO H . -5.12 -0.55 5.23
O2 EDO H . -4.56 0.75 5.04
C1 EDO I . 9.73 -4.65 8.09
O1 EDO I . 10.73 -5.06 9.03
C2 EDO I . 10.17 -3.34 7.45
O2 EDO I . 9.37 -3.09 6.28
C1 EDO J . 0.52 -7.65 -0.67
O1 EDO J . 1.11 -8.94 -0.86
C2 EDO J . 0.14 -7.46 0.79
O2 EDO J . 1.32 -7.33 1.58
C1 IPA K . -0.67 1.87 -3.53
C2 IPA K . -1.48 2.92 -4.28
C3 IPA K . -2.96 2.56 -4.23
O2 IPA K . -1.28 4.18 -3.69
N1 EPE L . 14.78 9.95 26.09
C2 EPE L . 14.15 8.71 26.58
C3 EPE L . 13.43 8.97 27.90
N4 EPE L . 14.32 9.62 28.84
C5 EPE L . 15.12 10.74 28.38
C6 EPE L . 15.79 10.44 27.05
C7 EPE L . 14.30 9.25 30.24
C8 EPE L . 12.92 9.40 30.86
O8 EPE L . 12.95 9.03 32.22
C9 EPE L . 15.46 9.64 24.83
C10 EPE L . 14.53 9.93 23.65
S EPE L . 15.27 9.48 22.06
O1S EPE L . 16.27 8.44 22.29
O2S EPE L . 14.23 8.99 21.17
O3S EPE L . 15.91 10.65 21.47
C1 EDO M . -3.41 16.11 1.26
O1 EDO M . -2.45 15.96 2.32
C2 EDO M . -2.85 15.53 -0.01
O2 EDO M . -3.91 15.18 -0.90
C1 EDO N . 0.08 -9.95 25.09
O1 EDO N . 0.75 -8.77 24.65
C2 EDO N . -1.41 -9.83 24.82
O2 EDO N . -1.91 -8.63 25.42
C1 IPA O . -21.77 5.89 -25.35
C2 IPA O . -22.33 7.30 -25.40
C3 IPA O . -23.57 7.40 -24.50
O2 IPA O . -21.35 8.21 -24.94
C1 IPA P . 12.59 -8.59 36.24
C2 IPA P . 13.13 -7.18 36.01
C3 IPA P . 12.42 -6.20 36.93
O2 IPA P . 14.51 -7.16 36.28
#